data_4NN2
#
_entry.id   4NN2
#
_cell.length_a   102.780
_cell.length_b   102.780
_cell.length_c   51.250
_cell.angle_alpha   90.000
_cell.angle_beta   90.000
_cell.angle_gamma   120.000
#
_symmetry.space_group_name_H-M   'P 3 2 1'
#
loop_
_entity.id
_entity.type
_entity.pdbx_description
1 polymer 'PHD finger protein 6'
2 non-polymer 'ZINC ION'
3 non-polymer GLYCEROL
4 water water
#
_entity_poly.entity_id   1
_entity_poly.type   'polypeptide(L)'
_entity_poly.pdbx_seq_one_letter_code
;GPSTRPKCGFCHVGEEENEARGKLHIFNAKKAAAHYKCMLFSSGTVQLTTTSRAEFGDFDIKTVLQEIKRGKRMKCTLCS
QPGATIGCEIKACVKTYHYHCGVQDKAKYIENMSRGIYKLYCKNHSGND
;
_entity_poly.pdbx_strand_id   A,B
#
# COMPACT_ATOMS: atom_id res chain seq x y z
N THR A 4 4.64 -12.55 -10.11
CA THR A 4 4.16 -13.94 -10.40
C THR A 4 3.00 -14.31 -9.48
N ARG A 5 3.24 -14.26 -8.17
CA ARG A 5 2.21 -14.61 -7.21
C ARG A 5 1.11 -13.54 -7.17
N PRO A 6 -0.10 -13.96 -6.81
CA PRO A 6 -1.23 -13.04 -6.85
C PRO A 6 -1.17 -11.96 -5.79
N LYS A 7 -1.87 -10.86 -6.07
CA LYS A 7 -2.09 -9.80 -5.09
C LYS A 7 -3.51 -9.31 -5.17
N CYS A 8 -3.99 -8.80 -4.04
CA CYS A 8 -5.34 -8.27 -3.94
C CYS A 8 -5.57 -7.13 -4.93
N GLY A 9 -6.69 -7.18 -5.63
CA GLY A 9 -7.03 -6.17 -6.64
C GLY A 9 -7.39 -4.84 -6.04
N PHE A 10 -7.64 -4.83 -4.74
CA PHE A 10 -7.97 -3.60 -4.02
C PHE A 10 -6.74 -2.94 -3.40
N CYS A 11 -6.04 -3.67 -2.52
CA CYS A 11 -4.94 -3.10 -1.76
C CYS A 11 -3.54 -3.44 -2.31
N HIS A 12 -3.48 -4.30 -3.32
CA HIS A 12 -2.23 -4.56 -4.07
C HIS A 12 -1.19 -5.35 -3.30
N VAL A 13 -1.63 -6.09 -2.29
CA VAL A 13 -0.75 -6.96 -1.49
C VAL A 13 -1.27 -8.40 -1.54
N GLY A 14 -0.34 -9.36 -1.49
CA GLY A 14 -0.67 -10.78 -1.52
C GLY A 14 -0.91 -11.42 -0.15
N GLU A 15 -0.58 -12.70 -0.05
CA GLU A 15 -0.92 -13.51 1.12
C GLU A 15 -0.18 -13.13 2.39
N GLU A 16 0.86 -12.32 2.30
CA GLU A 16 1.57 -11.87 3.50
C GLU A 16 0.71 -11.03 4.45
N GLU A 17 -0.40 -10.49 3.96
CA GLU A 17 -1.32 -9.77 4.83
C GLU A 17 -2.63 -10.53 5.09
N ASN A 18 -2.63 -11.84 4.88
CA ASN A 18 -3.82 -12.64 5.13
C ASN A 18 -4.34 -12.51 6.57
N GLU A 19 -3.45 -12.42 7.56
CA GLU A 19 -3.92 -12.45 8.93
C GLU A 19 -4.68 -11.16 9.27
N ALA A 20 -4.17 -10.01 8.82
CA ALA A 20 -4.79 -8.72 9.11
C ALA A 20 -5.97 -8.36 8.18
N ARG A 21 -5.87 -8.73 6.90
CA ARG A 21 -6.83 -8.30 5.89
C ARG A 21 -7.78 -9.41 5.44
N GLY A 22 -7.59 -10.62 5.96
CA GLY A 22 -8.36 -11.79 5.56
C GLY A 22 -7.70 -12.54 4.44
N LYS A 23 -8.02 -13.83 4.33
CA LYS A 23 -7.41 -14.70 3.34
C LYS A 23 -7.55 -14.16 1.92
N LEU A 24 -6.47 -14.24 1.15
CA LEU A 24 -6.50 -13.90 -0.26
C LEU A 24 -7.22 -14.99 -1.05
N HIS A 25 -8.30 -14.62 -1.72
CA HIS A 25 -9.06 -15.50 -2.62
C HIS A 25 -8.71 -15.17 -4.06
N ILE A 26 -8.62 -16.18 -4.92
CA ILE A 26 -8.25 -16.03 -6.32
C ILE A 26 -9.47 -16.35 -7.19
N PHE A 27 -9.76 -15.52 -8.18
CA PHE A 27 -11.03 -15.60 -8.91
C PHE A 27 -10.94 -16.10 -10.35
N ASN A 28 -9.76 -15.99 -10.97
CA ASN A 28 -9.57 -16.47 -12.35
C ASN A 28 -8.09 -16.69 -12.65
N ALA A 29 -7.80 -17.20 -13.85
CA ALA A 29 -6.42 -17.55 -14.22
C ALA A 29 -5.58 -16.33 -14.56
N LYS A 30 -6.23 -15.16 -14.69
CA LYS A 30 -5.52 -13.88 -14.83
C LYS A 30 -5.13 -13.34 -13.45
N LYS A 31 -5.42 -14.12 -12.40
CA LYS A 31 -5.04 -13.83 -11.02
C LYS A 31 -5.74 -12.60 -10.45
N ALA A 32 -6.93 -12.26 -10.95
CA ALA A 32 -7.82 -11.38 -10.20
C ALA A 32 -8.00 -12.02 -8.81
N ALA A 33 -7.91 -11.21 -7.77
CA ALA A 33 -7.87 -11.72 -6.39
C ALA A 33 -8.30 -10.64 -5.41
N ALA A 34 -8.64 -11.05 -4.19
CA ALA A 34 -8.96 -10.10 -3.12
C ALA A 34 -8.86 -10.76 -1.75
N HIS A 35 -8.34 -10.03 -0.78
CA HIS A 35 -8.42 -10.45 0.62
C HIS A 35 -9.89 -10.45 1.04
N TYR A 36 -10.23 -11.35 1.94
CA TYR A 36 -11.59 -11.45 2.44
C TYR A 36 -12.17 -10.11 2.91
N LYS A 37 -11.46 -9.37 3.75
CA LYS A 37 -12.05 -8.13 4.27
C LYS A 37 -12.13 -7.04 3.21
N CYS A 38 -11.12 -7.00 2.32
CA CYS A 38 -11.14 -6.03 1.23
C CYS A 38 -12.36 -6.21 0.35
N MET A 39 -12.73 -7.46 0.05
CA MET A 39 -13.92 -7.72 -0.74
C MET A 39 -15.21 -7.60 0.08
N LEU A 40 -15.18 -8.07 1.32
CA LEU A 40 -16.37 -8.06 2.18
C LEU A 40 -16.98 -6.67 2.34
N PHE A 41 -16.12 -5.68 2.56
CA PHE A 41 -16.57 -4.31 2.83
C PHE A 41 -16.66 -3.43 1.59
N SER A 42 -16.16 -3.90 0.45
CA SER A 42 -16.28 -3.13 -0.79
C SER A 42 -17.76 -2.76 -1.02
N SER A 43 -18.03 -1.50 -1.32
CA SER A 43 -19.41 -1.02 -1.32
C SER A 43 -20.34 -1.78 -2.26
N GLY A 44 -19.82 -2.24 -3.38
CA GLY A 44 -20.63 -2.94 -4.39
C GLY A 44 -20.60 -4.47 -4.32
N THR A 45 -19.91 -5.05 -3.35
CA THR A 45 -19.87 -6.50 -3.24
C THR A 45 -21.22 -7.01 -2.75
N VAL A 46 -21.79 -7.96 -3.51
CA VAL A 46 -23.07 -8.57 -3.14
C VAL A 46 -22.85 -9.91 -2.43
N GLN A 47 -23.31 -9.98 -1.18
CA GLN A 47 -23.21 -11.17 -0.36
C GLN A 47 -24.49 -11.98 -0.55
N LEU A 48 -24.35 -13.30 -0.65
CA LEU A 48 -25.48 -14.18 -0.94
C LEU A 48 -25.87 -15.08 0.23
N THR A 49 -24.91 -15.49 1.05
CA THR A 49 -25.20 -16.27 2.26
C THR A 49 -24.36 -15.77 3.43
N THR A 50 -24.73 -16.20 4.63
CA THR A 50 -24.01 -15.86 5.85
C THR A 50 -22.51 -16.14 5.72
N THR A 51 -21.69 -15.26 6.28
CA THR A 51 -20.24 -15.35 6.16
C THR A 51 -19.54 -15.06 7.49
N SER A 52 -18.36 -15.65 7.64
CA SER A 52 -17.45 -15.35 8.74
C SER A 52 -16.05 -15.73 8.30
N ARG A 53 -15.02 -15.37 9.07
CA ARG A 53 -13.67 -15.85 8.79
C ARG A 53 -13.55 -17.36 8.98
N ALA A 54 -14.31 -17.91 9.92
CA ALA A 54 -14.30 -19.36 10.14
C ALA A 54 -15.00 -20.11 9.01
N GLU A 55 -15.98 -19.47 8.36
CA GLU A 55 -16.78 -20.13 7.32
C GLU A 55 -17.14 -19.14 6.20
N PHE A 56 -16.31 -19.11 5.17
CA PHE A 56 -16.47 -18.19 4.04
C PHE A 56 -17.83 -18.38 3.37
N GLY A 57 -18.59 -17.28 3.27
CA GLY A 57 -19.93 -17.35 2.69
C GLY A 57 -19.90 -17.30 1.19
N ASP A 58 -21.08 -17.32 0.59
CA ASP A 58 -21.23 -17.19 -0.86
C ASP A 58 -21.36 -15.72 -1.23
N PHE A 59 -20.59 -15.28 -2.23
CA PHE A 59 -20.65 -13.92 -2.74
C PHE A 59 -20.82 -13.95 -4.25
N ASP A 60 -21.39 -12.89 -4.81
CA ASP A 60 -21.47 -12.76 -6.26
C ASP A 60 -20.11 -12.28 -6.78
N ILE A 61 -19.32 -13.20 -7.33
CA ILE A 61 -17.95 -12.87 -7.71
C ILE A 61 -17.91 -11.86 -8.87
N LYS A 62 -18.90 -11.88 -9.75
CA LYS A 62 -18.97 -10.87 -10.81
C LYS A 62 -18.99 -9.47 -10.20
N THR A 63 -19.72 -9.28 -9.09
CA THR A 63 -19.74 -7.95 -8.44
C THR A 63 -18.38 -7.59 -7.83
N VAL A 64 -17.67 -8.58 -7.32
CA VAL A 64 -16.34 -8.33 -6.79
C VAL A 64 -15.38 -7.90 -7.91
N LEU A 65 -15.46 -8.56 -9.07
CA LEU A 65 -14.62 -8.18 -10.20
C LEU A 65 -14.97 -6.78 -10.72
N GLN A 66 -16.26 -6.47 -10.74
CA GLN A 66 -16.71 -5.11 -11.09
C GLN A 66 -16.17 -4.08 -10.10
N GLU A 67 -16.08 -4.45 -8.83
CA GLU A 67 -15.55 -3.54 -7.80
C GLU A 67 -14.05 -3.32 -7.96
N ILE A 68 -13.31 -4.37 -8.31
CA ILE A 68 -11.89 -4.22 -8.60
C ILE A 68 -11.71 -3.24 -9.76
N LYS A 69 -12.54 -3.37 -10.79
CA LYS A 69 -12.47 -2.46 -11.92
C LYS A 69 -12.78 -1.01 -11.49
N ARG A 70 -13.84 -0.84 -10.70
CA ARG A 70 -14.18 0.51 -10.21
C ARG A 70 -13.04 1.09 -9.40
N GLY A 71 -12.42 0.23 -8.59
CA GLY A 71 -11.32 0.62 -7.72
C GLY A 71 -10.16 1.30 -8.42
N LYS A 72 -9.96 0.96 -9.69
CA LYS A 72 -8.90 1.60 -10.47
C LYS A 72 -9.08 3.11 -10.56
N ARG A 73 -10.32 3.56 -10.36
CA ARG A 73 -10.69 4.98 -10.45
C ARG A 73 -10.71 5.68 -9.08
N MET A 74 -10.64 4.91 -8.00
CA MET A 74 -10.89 5.37 -6.62
C MET A 74 -9.63 5.54 -5.77
N LYS A 75 -9.15 6.77 -5.64
CA LYS A 75 -7.99 7.08 -4.82
C LYS A 75 -8.36 7.12 -3.34
N CYS A 76 -7.61 6.38 -2.53
CA CYS A 76 -7.88 6.26 -1.11
C CYS A 76 -7.83 7.60 -0.39
N THR A 77 -8.78 7.83 0.50
CA THR A 77 -8.79 9.03 1.33
C THR A 77 -7.49 9.20 2.13
N LEU A 78 -6.92 8.09 2.58
CA LEU A 78 -5.71 8.13 3.39
C LEU A 78 -4.43 8.11 2.53
N CYS A 79 -4.23 7.06 1.74
CA CYS A 79 -2.96 6.83 1.05
C CYS A 79 -2.90 7.34 -0.40
N SER A 80 -4.03 7.78 -0.94
CA SER A 80 -4.17 8.35 -2.28
C SER A 80 -3.95 7.38 -3.44
N GLN A 81 -3.76 6.09 -3.14
CA GLN A 81 -3.55 5.08 -4.16
C GLN A 81 -4.88 4.45 -4.58
N PRO A 82 -4.95 3.94 -5.82
CA PRO A 82 -6.21 3.36 -6.30
C PRO A 82 -6.58 2.07 -5.59
N GLY A 83 -7.83 1.65 -5.75
CA GLY A 83 -8.35 0.40 -5.19
C GLY A 83 -9.18 0.61 -3.93
N ALA A 84 -9.39 1.86 -3.53
CA ALA A 84 -10.12 2.20 -2.30
C ALA A 84 -11.64 2.23 -2.53
N THR A 85 -12.26 1.06 -2.44
CA THR A 85 -13.66 0.89 -2.79
C THR A 85 -14.59 0.76 -1.59
N ILE A 86 -14.06 0.88 -0.38
CA ILE A 86 -14.89 0.85 0.83
C ILE A 86 -15.32 2.29 1.13
N GLY A 87 -16.47 2.67 0.61
CA GLY A 87 -16.98 4.02 0.77
C GLY A 87 -17.78 4.18 2.04
N CYS A 88 -17.74 5.37 2.63
CA CYS A 88 -18.59 5.67 3.76
C CYS A 88 -20.04 5.45 3.34
N GLU A 89 -20.80 4.84 4.24
CA GLU A 89 -22.19 4.48 3.96
C GLU A 89 -23.09 5.69 3.75
N ILE A 90 -22.73 6.84 4.33
CA ILE A 90 -23.54 8.05 4.18
C ILE A 90 -23.47 8.50 2.70
N LYS A 91 -24.61 8.62 2.04
CA LYS A 91 -24.62 8.63 0.55
C LYS A 91 -23.70 9.67 -0.15
N ALA A 92 -23.74 10.92 0.30
CA ALA A 92 -22.94 12.00 -0.30
C ALA A 92 -21.51 12.13 0.25
N CYS A 93 -21.12 11.26 1.17
CA CYS A 93 -19.80 11.39 1.77
C CYS A 93 -18.75 10.88 0.78
N VAL A 94 -17.69 11.66 0.60
CA VAL A 94 -16.66 11.33 -0.38
C VAL A 94 -15.58 10.37 0.15
N LYS A 95 -15.57 10.10 1.45
CA LYS A 95 -14.48 9.31 1.99
C LYS A 95 -14.58 7.86 1.57
N THR A 96 -13.45 7.31 1.14
CA THR A 96 -13.43 5.95 0.60
C THR A 96 -12.04 5.36 0.82
N TYR A 97 -11.99 4.07 1.15
CA TYR A 97 -10.77 3.49 1.74
C TYR A 97 -10.41 2.11 1.24
N HIS A 98 -9.12 1.80 1.33
CA HIS A 98 -8.66 0.41 1.49
C HIS A 98 -8.99 -0.05 2.90
N TYR A 99 -9.23 -1.34 3.10
CA TYR A 99 -9.61 -1.84 4.42
C TYR A 99 -8.66 -1.36 5.54
N HIS A 100 -7.38 -1.63 5.39
CA HIS A 100 -6.41 -1.26 6.44
C HIS A 100 -6.29 0.25 6.62
N CYS A 101 -6.46 1.01 5.54
CA CYS A 101 -6.43 2.47 5.62
C CYS A 101 -7.62 3.02 6.40
N GLY A 102 -8.79 2.42 6.23
CA GLY A 102 -9.96 2.80 7.02
C GLY A 102 -9.74 2.61 8.51
N VAL A 103 -9.11 1.49 8.87
CA VAL A 103 -8.78 1.26 10.27
C VAL A 103 -7.86 2.35 10.79
N GLN A 104 -6.82 2.67 10.01
CA GLN A 104 -5.85 3.66 10.42
C GLN A 104 -6.45 5.06 10.55
N ASP A 105 -7.38 5.41 9.66
CA ASP A 105 -8.02 6.74 9.65
C ASP A 105 -9.27 6.82 10.56
N LYS A 106 -9.38 5.90 11.50
CA LYS A 106 -10.41 5.93 12.56
C LYS A 106 -11.84 5.84 12.03
N ALA A 107 -12.00 5.14 10.91
CA ALA A 107 -13.33 4.75 10.47
C ALA A 107 -13.88 3.65 11.37
N LYS A 108 -15.20 3.51 11.39
CA LYS A 108 -15.89 2.48 12.15
C LYS A 108 -16.44 1.45 11.18
N TYR A 109 -16.06 0.19 11.39
CA TYR A 109 -16.62 -0.91 10.65
C TYR A 109 -17.77 -1.54 11.44
N ILE A 110 -18.91 -1.66 10.77
CA ILE A 110 -20.09 -2.29 11.36
C ILE A 110 -20.24 -3.68 10.73
N GLU A 111 -20.39 -4.70 11.58
CA GLU A 111 -20.64 -6.06 11.13
C GLU A 111 -21.90 -6.59 11.81
N ASN A 112 -22.80 -7.16 11.04
CA ASN A 112 -23.93 -7.89 11.58
C ASN A 112 -24.05 -9.17 10.78
N MET A 113 -23.51 -10.24 11.35
CA MET A 113 -23.42 -11.51 10.66
C MET A 113 -24.79 -12.08 10.30
N SER A 114 -25.72 -12.08 11.26
CA SER A 114 -27.04 -12.69 11.01
C SER A 114 -27.85 -11.94 9.96
N ARG A 115 -27.67 -10.62 9.85
CA ARG A 115 -28.40 -9.83 8.86
C ARG A 115 -27.61 -9.61 7.57
N GLY A 116 -26.33 -9.97 7.57
CA GLY A 116 -25.48 -9.78 6.40
C GLY A 116 -25.23 -8.31 6.11
N ILE A 117 -24.86 -7.56 7.14
CA ILE A 117 -24.56 -6.13 7.02
C ILE A 117 -23.10 -5.90 7.31
N TYR A 118 -22.39 -5.33 6.33
CA TYR A 118 -20.97 -5.01 6.45
C TYR A 118 -20.77 -3.64 5.85
N LYS A 119 -20.40 -2.67 6.67
CA LYS A 119 -20.28 -1.30 6.18
C LYS A 119 -19.30 -0.47 6.98
N LEU A 120 -18.93 0.66 6.39
CA LEU A 120 -17.97 1.57 6.99
C LEU A 120 -18.63 2.93 7.16
N TYR A 121 -18.38 3.55 8.31
CA TYR A 121 -18.71 4.95 8.52
C TYR A 121 -17.39 5.67 8.80
N CYS A 122 -17.15 6.76 8.09
CA CYS A 122 -15.93 7.51 8.32
C CYS A 122 -15.96 8.27 9.64
N LYS A 123 -14.82 8.87 9.97
CA LYS A 123 -14.67 9.59 11.24
C LYS A 123 -15.64 10.75 11.42
N ASN A 124 -16.11 11.35 10.33
CA ASN A 124 -17.10 12.44 10.39
C ASN A 124 -18.53 11.94 10.62
N HIS A 125 -18.76 10.65 10.34
CA HIS A 125 -20.08 10.05 10.38
C HIS A 125 -20.14 8.90 11.38
N SER A 126 -19.23 8.93 12.36
CA SER A 126 -19.09 7.83 13.31
C SER A 126 -20.13 7.90 14.42
N GLY A 127 -20.74 9.08 14.61
CA GLY A 127 -21.76 9.28 15.63
C GLY A 127 -21.15 9.69 16.96
N ARG B 5 -2.38 14.58 8.16
CA ARG B 5 -1.05 14.02 8.53
C ARG B 5 -0.16 13.89 7.29
N PRO B 6 1.15 14.19 7.43
CA PRO B 6 2.07 13.96 6.33
C PRO B 6 2.21 12.48 6.03
N LYS B 7 2.51 12.16 4.78
CA LYS B 7 2.81 10.79 4.39
C LYS B 7 4.04 10.75 3.49
N CYS B 8 4.73 9.60 3.53
CA CYS B 8 5.94 9.39 2.72
C CYS B 8 5.63 9.53 1.23
N GLY B 9 6.45 10.32 0.52
CA GLY B 9 6.28 10.55 -0.92
C GLY B 9 6.61 9.33 -1.78
N PHE B 10 7.27 8.34 -1.19
CA PHE B 10 7.55 7.09 -1.88
C PHE B 10 6.50 6.02 -1.64
N CYS B 11 6.20 5.70 -0.38
CA CYS B 11 5.33 4.55 -0.06
C CYS B 11 3.92 4.95 0.38
N HIS B 12 3.69 6.24 0.56
CA HIS B 12 2.34 6.80 0.78
C HIS B 12 1.72 6.51 2.14
N VAL B 13 2.58 6.23 3.11
CA VAL B 13 2.17 5.97 4.49
C VAL B 13 2.89 6.94 5.42
N GLY B 14 2.23 7.30 6.52
CA GLY B 14 2.80 8.24 7.49
C GLY B 14 3.56 7.59 8.63
N GLU B 15 3.54 8.25 9.78
CA GLU B 15 4.34 7.87 10.95
C GLU B 15 4.03 6.51 11.56
N GLU B 16 2.89 5.91 11.22
CA GLU B 16 2.53 4.60 11.76
C GLU B 16 3.49 3.49 11.33
N GLU B 17 4.29 3.71 10.28
CA GLU B 17 5.31 2.74 9.86
C GLU B 17 6.75 3.19 10.13
N ASN B 18 6.94 4.14 11.04
CA ASN B 18 8.27 4.62 11.41
C ASN B 18 9.23 3.50 11.84
N GLU B 19 8.74 2.55 12.63
CA GLU B 19 9.63 1.52 13.18
C GLU B 19 10.10 0.52 12.13
N ALA B 20 9.29 0.29 11.08
CA ALA B 20 9.63 -0.64 10.00
C ALA B 20 10.35 0.03 8.81
N ARG B 21 9.97 1.27 8.51
CA ARG B 21 10.45 1.95 7.29
C ARG B 21 11.39 3.12 7.58
N GLY B 22 11.63 3.39 8.85
CA GLY B 22 12.45 4.51 9.30
C GLY B 22 11.60 5.72 9.59
N LYS B 23 12.10 6.58 10.47
CA LYS B 23 11.35 7.76 10.90
C LYS B 23 10.97 8.64 9.71
N LEU B 24 9.70 9.06 9.68
CA LEU B 24 9.22 10.01 8.68
C LEU B 24 9.80 11.39 8.96
N HIS B 25 10.47 11.97 7.95
CA HIS B 25 10.96 13.34 8.02
C HIS B 25 10.21 14.22 7.04
N ILE B 26 9.99 15.48 7.43
CA ILE B 26 9.25 16.44 6.63
C ILE B 26 10.25 17.41 5.99
N PHE B 27 10.00 17.77 4.74
CA PHE B 27 10.94 18.57 3.96
C PHE B 27 10.47 20.00 3.67
N ASN B 28 9.18 20.22 3.67
CA ASN B 28 8.65 21.59 3.50
C ASN B 28 7.25 21.72 4.11
N ALA B 29 6.70 22.93 4.07
CA ALA B 29 5.39 23.21 4.66
C ALA B 29 4.25 22.62 3.86
N LYS B 30 4.52 22.25 2.59
CA LYS B 30 3.55 21.50 1.77
C LYS B 30 3.54 20.02 2.16
N LYS B 31 4.39 19.65 3.11
CA LYS B 31 4.43 18.32 3.71
C LYS B 31 4.98 17.24 2.77
N ALA B 32 5.84 17.63 1.84
CA ALA B 32 6.72 16.64 1.22
C ALA B 32 7.48 15.97 2.37
N ALA B 33 7.61 14.64 2.29
CA ALA B 33 8.10 13.84 3.40
C ALA B 33 8.59 12.48 2.92
N ALA B 34 9.40 11.83 3.74
CA ALA B 34 9.84 10.47 3.46
C ALA B 34 10.30 9.75 4.72
N HIS B 35 10.02 8.45 4.79
CA HIS B 35 10.63 7.60 5.81
C HIS B 35 12.12 7.54 5.57
N TYR B 36 12.88 7.39 6.64
CA TYR B 36 14.34 7.38 6.54
C TYR B 36 14.86 6.31 5.56
N LYS B 37 14.33 5.10 5.62
CA LYS B 37 14.84 4.04 4.73
C LYS B 37 14.36 4.22 3.28
N CYS B 38 13.10 4.63 3.10
CA CYS B 38 12.59 4.93 1.77
C CYS B 38 13.47 5.98 1.08
N MET B 39 13.90 6.99 1.86
CA MET B 39 14.82 8.03 1.39
C MET B 39 16.23 7.49 1.12
N LEU B 40 16.82 6.78 2.08
CA LEU B 40 18.23 6.36 1.98
C LEU B 40 18.49 5.46 0.78
N PHE B 41 17.57 4.52 0.55
CA PHE B 41 17.74 3.51 -0.50
C PHE B 41 17.28 3.97 -1.88
N SER B 42 16.56 5.09 -1.96
CA SER B 42 16.12 5.62 -3.26
C SER B 42 17.36 5.80 -4.14
N SER B 43 17.32 5.30 -5.37
CA SER B 43 18.55 5.21 -6.15
C SER B 43 19.25 6.55 -6.42
N GLY B 44 18.49 7.63 -6.46
CA GLY B 44 19.04 8.97 -6.71
C GLY B 44 19.33 9.83 -5.49
N THR B 45 19.08 9.34 -4.29
CA THR B 45 19.36 10.14 -3.08
C THR B 45 20.86 10.25 -2.83
N VAL B 46 21.36 11.48 -2.67
CA VAL B 46 22.78 11.74 -2.43
C VAL B 46 23.09 11.99 -0.95
N GLN B 47 23.92 11.13 -0.37
CA GLN B 47 24.48 11.35 0.97
C GLN B 47 25.79 12.12 0.83
N LEU B 48 26.02 13.09 1.72
CA LEU B 48 27.09 14.08 1.54
C LEU B 48 28.30 13.87 2.43
N THR B 49 28.07 13.36 3.64
CA THR B 49 29.14 13.10 4.60
C THR B 49 28.90 11.77 5.30
N THR B 50 29.93 11.28 5.99
CA THR B 50 29.83 10.10 6.85
C THR B 50 28.63 10.22 7.78
N THR B 51 27.81 9.17 7.82
CA THR B 51 26.61 9.13 8.65
C THR B 51 26.64 7.87 9.52
N PHE B 56 20.45 12.20 11.93
CA PHE B 56 19.85 12.20 10.60
C PHE B 56 20.92 12.17 9.51
N GLY B 57 21.93 13.02 9.66
CA GLY B 57 23.06 13.06 8.71
C GLY B 57 22.85 14.08 7.60
N ASP B 58 23.87 14.24 6.77
CA ASP B 58 23.85 15.24 5.71
C ASP B 58 23.43 14.58 4.39
N PHE B 59 22.25 14.97 3.90
CA PHE B 59 21.72 14.49 2.64
C PHE B 59 21.33 15.67 1.81
N ASP B 60 21.44 15.51 0.49
CA ASP B 60 20.99 16.55 -0.39
C ASP B 60 19.48 16.41 -0.55
N ILE B 61 18.73 17.24 0.18
CA ILE B 61 17.27 17.13 0.18
C ILE B 61 16.69 17.42 -1.20
N LYS B 62 17.33 18.29 -1.97
CA LYS B 62 16.92 18.51 -3.36
C LYS B 62 16.86 17.20 -4.15
N THR B 63 17.85 16.33 -3.96
CA THR B 63 17.85 15.04 -4.66
C THR B 63 16.72 14.12 -4.16
N VAL B 64 16.37 14.21 -2.88
CA VAL B 64 15.24 13.43 -2.35
C VAL B 64 13.93 13.91 -2.99
N LEU B 65 13.75 15.22 -3.09
CA LEU B 65 12.55 15.78 -3.73
C LEU B 65 12.48 15.39 -5.20
N GLN B 66 13.61 15.39 -5.91
CA GLN B 66 13.67 14.93 -7.29
C GLN B 66 13.30 13.45 -7.41
N GLU B 67 13.73 12.66 -6.42
CA GLU B 67 13.40 11.24 -6.38
C GLU B 67 11.91 10.99 -6.15
N ILE B 68 11.30 11.79 -5.29
CA ILE B 68 9.83 11.68 -5.09
C ILE B 68 9.14 11.96 -6.43
N LYS B 69 9.61 12.97 -7.15
CA LYS B 69 9.05 13.27 -8.47
C LYS B 69 9.24 12.13 -9.46
N ARG B 70 10.47 11.60 -9.55
CA ARG B 70 10.75 10.45 -10.41
C ARG B 70 9.85 9.28 -10.04
N GLY B 71 9.60 9.11 -8.74
CA GLY B 71 8.78 8.01 -8.26
C GLY B 71 7.38 7.97 -8.84
N LYS B 72 6.85 9.12 -9.23
CA LYS B 72 5.51 9.17 -9.80
C LYS B 72 5.37 8.31 -11.05
N ARG B 73 6.48 8.08 -11.77
CA ARG B 73 6.47 7.23 -12.97
C ARG B 73 7.11 5.85 -12.77
N MET B 74 7.43 5.48 -11.52
CA MET B 74 8.10 4.21 -11.21
C MET B 74 7.16 3.27 -10.47
N LYS B 75 6.59 2.32 -11.19
CA LYS B 75 5.68 1.34 -10.61
C LYS B 75 6.45 0.19 -9.99
N CYS B 76 6.05 -0.15 -8.77
CA CYS B 76 6.73 -1.18 -8.00
C CYS B 76 6.64 -2.55 -8.66
N THR B 77 7.77 -3.23 -8.72
CA THR B 77 7.81 -4.61 -9.20
C THR B 77 6.82 -5.54 -8.47
N LEU B 78 6.63 -5.31 -7.17
CA LEU B 78 5.75 -6.15 -6.37
C LEU B 78 4.32 -5.63 -6.38
N CYS B 79 4.10 -4.41 -5.90
CA CYS B 79 2.72 -3.92 -5.68
C CYS B 79 2.13 -3.11 -6.83
N SER B 80 2.95 -2.80 -7.85
CA SER B 80 2.54 -2.02 -9.03
C SER B 80 2.18 -0.55 -8.82
N GLN B 81 2.33 -0.06 -7.60
CA GLN B 81 1.97 1.33 -7.29
C GLN B 81 3.18 2.24 -7.49
N PRO B 82 2.94 3.52 -7.76
CA PRO B 82 4.07 4.44 -7.94
C PRO B 82 4.86 4.68 -6.65
N GLY B 83 6.05 5.25 -6.81
CA GLY B 83 6.92 5.61 -5.71
C GLY B 83 8.06 4.65 -5.45
N ALA B 84 8.17 3.63 -6.30
CA ALA B 84 9.13 2.56 -6.10
C ALA B 84 10.47 2.93 -6.74
N THR B 85 11.27 3.67 -6.01
CA THR B 85 12.48 4.28 -6.53
C THR B 85 13.77 3.55 -6.12
N ILE B 86 13.61 2.41 -5.44
CA ILE B 86 14.77 1.62 -5.03
C ILE B 86 15.01 0.56 -6.10
N GLY B 87 15.90 0.88 -7.04
CA GLY B 87 16.17 -0.02 -8.16
C GLY B 87 17.21 -1.05 -7.79
N CYS B 88 17.09 -2.25 -8.34
CA CYS B 88 18.14 -3.26 -8.19
C CYS B 88 19.49 -2.70 -8.64
N GLU B 89 20.53 -3.00 -7.88
CA GLU B 89 21.85 -2.41 -8.11
C GLU B 89 22.48 -2.89 -9.41
N ILE B 90 22.01 -4.02 -9.95
CA ILE B 90 22.49 -4.53 -11.24
C ILE B 90 21.88 -3.67 -12.35
N LYS B 91 22.73 -3.03 -13.14
CA LYS B 91 22.27 -2.06 -14.13
C LYS B 91 21.27 -2.64 -15.14
N ALA B 92 21.52 -3.85 -15.61
CA ALA B 92 20.66 -4.51 -16.61
C ALA B 92 19.29 -4.95 -16.07
N CYS B 93 19.14 -4.95 -14.76
CA CYS B 93 17.90 -5.36 -14.11
C CYS B 93 16.87 -4.23 -14.14
N VAL B 94 15.61 -4.57 -14.39
CA VAL B 94 14.54 -3.56 -14.43
C VAL B 94 13.72 -3.52 -13.12
N LYS B 95 14.00 -4.39 -12.17
CA LYS B 95 13.20 -4.44 -10.95
C LYS B 95 13.45 -3.22 -10.07
N THR B 96 12.38 -2.70 -9.48
CA THR B 96 12.44 -1.50 -8.65
C THR B 96 11.32 -1.56 -7.61
N TYR B 97 11.58 -1.04 -6.42
CA TYR B 97 10.75 -1.33 -5.26
C TYR B 97 10.51 -0.17 -4.31
N HIS B 98 9.41 -0.27 -3.56
CA HIS B 98 9.29 0.37 -2.27
C HIS B 98 10.13 -0.41 -1.28
N TYR B 99 10.62 0.24 -0.25
CA TYR B 99 11.47 -0.41 0.76
C TYR B 99 10.83 -1.69 1.33
N HIS B 100 9.60 -1.60 1.79
CA HIS B 100 8.96 -2.76 2.42
C HIS B 100 8.65 -3.86 1.38
N CYS B 101 8.38 -3.46 0.14
CA CYS B 101 8.08 -4.40 -0.93
C CYS B 101 9.29 -5.23 -1.34
N GLY B 102 10.46 -4.61 -1.37
CA GLY B 102 11.68 -5.35 -1.64
C GLY B 102 11.89 -6.50 -0.67
N VAL B 103 11.69 -6.20 0.61
CA VAL B 103 11.87 -7.21 1.67
C VAL B 103 10.95 -8.38 1.38
N GLN B 104 9.71 -8.06 1.01
CA GLN B 104 8.70 -9.07 0.74
C GLN B 104 8.93 -9.87 -0.55
N ASP B 105 9.66 -9.30 -1.51
CA ASP B 105 9.96 -9.99 -2.76
C ASP B 105 11.36 -10.59 -2.74
N LYS B 106 11.86 -10.92 -1.55
CA LYS B 106 13.09 -11.70 -1.39
C LYS B 106 14.36 -10.94 -1.82
N ALA B 107 14.35 -9.63 -1.68
CA ALA B 107 15.54 -8.81 -1.98
C ALA B 107 16.50 -8.82 -0.80
N LYS B 108 17.76 -8.55 -1.13
CA LYS B 108 18.83 -8.35 -0.15
C LYS B 108 19.18 -6.87 -0.09
N TYR B 109 19.27 -6.32 1.12
CA TYR B 109 19.67 -4.94 1.32
C TYR B 109 21.08 -4.88 1.93
N ILE B 110 21.90 -3.97 1.41
CA ILE B 110 23.25 -3.72 1.94
C ILE B 110 23.33 -2.27 2.38
N GLU B 111 23.85 -2.05 3.59
CA GLU B 111 23.98 -0.73 4.17
C GLU B 111 25.37 -0.53 4.74
N ASN B 112 26.03 0.55 4.35
CA ASN B 112 27.24 1.00 5.03
C ASN B 112 27.12 2.49 5.17
N MET B 113 26.63 2.92 6.33
CA MET B 113 26.27 4.33 6.55
C MET B 113 27.51 5.22 6.47
N SER B 114 28.66 4.70 6.91
CA SER B 114 29.90 5.47 6.89
C SER B 114 30.34 5.84 5.48
N ARG B 115 29.98 5.02 4.50
CA ARG B 115 30.37 5.25 3.11
C ARG B 115 29.19 5.69 2.24
N GLY B 116 28.02 5.86 2.84
CA GLY B 116 26.83 6.25 2.09
C GLY B 116 26.36 5.21 1.08
N ILE B 117 26.55 3.94 1.41
CA ILE B 117 26.16 2.83 0.54
C ILE B 117 24.83 2.26 1.01
N TYR B 118 23.82 2.32 0.14
CA TYR B 118 22.52 1.73 0.42
C TYR B 118 22.06 1.07 -0.86
N LYS B 119 22.12 -0.26 -0.89
CA LYS B 119 21.89 -1.01 -2.13
C LYS B 119 20.85 -2.08 -1.94
N LEU B 120 20.06 -2.31 -2.98
CA LEU B 120 19.15 -3.43 -3.07
C LEU B 120 19.61 -4.37 -4.18
N TYR B 121 19.66 -5.66 -3.90
CA TYR B 121 19.84 -6.68 -4.94
C TYR B 121 18.58 -7.54 -4.94
N CYS B 122 17.92 -7.61 -6.09
CA CYS B 122 16.68 -8.36 -6.18
C CYS B 122 16.91 -9.85 -6.05
N LYS B 123 15.81 -10.58 -5.99
CA LYS B 123 15.87 -12.04 -5.81
C LYS B 123 16.63 -12.78 -6.91
N ASN B 124 16.73 -12.21 -8.11
CA ASN B 124 17.53 -12.83 -9.18
C ASN B 124 19.02 -12.51 -9.09
N HIS B 125 19.37 -11.51 -8.29
CA HIS B 125 20.73 -11.00 -8.23
C HIS B 125 21.33 -10.99 -6.83
N SER B 126 20.70 -11.68 -5.89
CA SER B 126 21.08 -11.58 -4.48
C SER B 126 22.14 -12.62 -4.11
#